data_1MVQ
#
_entry.id   1MVQ
#
_cell.length_a   63.449
_cell.length_b   77.956
_cell.length_c   105.323
_cell.angle_alpha   90.00
_cell.angle_beta   90.00
_cell.angle_gamma   90.00
#
_symmetry.space_group_name_H-M   'I 2 2 2'
#
loop_
_entity.id
_entity.type
_entity.pdbx_description
1 polymer 'lectin, isoform 1'
2 non-polymer 'methyl alpha-D-mannopyranoside'
3 non-polymer 'CALCIUM ION'
4 non-polymer 'MANGANESE (II) ION'
5 water water
#
_entity_poly.entity_id   1
_entity_poly.type   'polypeptide(L)'
_entity_poly.pdbx_seq_one_letter_code
;ADTIVAVELDTYPNTDIGDPSYQHIGINIKSIRSKATTRWDVQNGKVGTAHISYNSVAKRLSAVVSYPGGSSATVSYDVD
LNNILPEWVRVGLSASTGLYKETNTILSWSFTSKLKSNSTADAQSLHFTFNQFSQSPKDLILQGDASTDSDGNLQLTRVS
NGSPQSDSVGRALYYAPVHIWDKSAVVASFDATFTFLIKSPDREIADGIAFFIANTDSSIPHGSGGRLLGLFPDAN
;
_entity_poly.pdbx_strand_id   A
#
loop_
_chem_comp.id
_chem_comp.type
_chem_comp.name
_chem_comp.formula
CA non-polymer 'CALCIUM ION' 'Ca 2'
MMA D-saccharide 'methyl alpha-D-mannopyranoside' 'C7 H14 O6'
MN non-polymer 'MANGANESE (II) ION' 'Mn 2'
#
# COMPACT_ATOMS: atom_id res chain seq x y z
N ALA A 1 8.07 -10.14 -15.01
CA ALA A 1 7.11 -10.08 -13.88
C ALA A 1 6.62 -8.63 -13.72
N ASP A 2 5.89 -8.35 -12.64
CA ASP A 2 5.49 -6.97 -12.39
C ASP A 2 6.67 -6.15 -11.89
N THR A 3 6.57 -4.83 -12.02
CA THR A 3 7.51 -3.89 -11.42
C THR A 3 6.76 -3.22 -10.27
N ILE A 4 7.25 -3.40 -9.05
CA ILE A 4 6.51 -2.96 -7.88
C ILE A 4 7.37 -2.07 -7.04
N VAL A 5 6.83 -0.93 -6.64
CA VAL A 5 7.34 -0.13 -5.55
C VAL A 5 6.24 -0.13 -4.49
N ALA A 6 6.60 -0.39 -3.23
CA ALA A 6 5.57 -0.48 -2.20
C ALA A 6 6.05 0.05 -0.87
N VAL A 7 5.08 0.46 -0.05
CA VAL A 7 5.36 0.79 1.34
C VAL A 7 4.53 -0.23 2.11
N GLU A 8 5.20 -1.08 2.89
CA GLU A 8 4.50 -2.12 3.63
C GLU A 8 4.31 -1.73 5.05
N LEU A 9 3.16 -2.13 5.61
CA LEU A 9 2.90 -2.06 7.04
C LEU A 9 2.91 -3.54 7.44
N ASP A 10 4.04 -4.01 7.99
CA ASP A 10 4.26 -5.47 8.07
C ASP A 10 4.03 -5.88 9.49
N THR A 11 3.00 -6.70 9.72
CA THR A 11 2.59 -7.00 11.09
C THR A 11 3.15 -8.31 11.62
N TYR A 12 3.95 -9.01 10.82
CA TYR A 12 4.46 -10.30 11.26
C TYR A 12 5.92 -10.46 10.80
N PRO A 13 6.84 -10.63 11.75
CA PRO A 13 8.25 -10.78 11.35
C PRO A 13 8.54 -12.16 10.71
N ASN A 14 8.95 -12.14 9.45
CA ASN A 14 9.44 -13.35 8.76
C ASN A 14 10.94 -13.19 8.56
N THR A 15 11.73 -13.63 9.51
CA THR A 15 13.15 -13.27 9.46
C THR A 15 13.93 -14.00 8.39
N ASP A 16 13.37 -15.07 7.81
CA ASP A 16 14.05 -15.73 6.70
C ASP A 16 14.02 -14.96 5.37
N ILE A 17 13.11 -14.00 5.25
CA ILE A 17 13.11 -13.11 4.08
C ILE A 17 13.55 -11.71 4.45
N GLY A 18 14.27 -11.62 5.56
CA GLY A 18 14.92 -10.39 5.93
C GLY A 18 14.12 -9.39 6.68
N ASP A 19 12.96 -9.77 7.23
CA ASP A 19 12.28 -8.86 8.15
C ASP A 19 13.13 -8.72 9.38
N PRO A 20 13.14 -7.53 9.98
CA PRO A 20 13.63 -7.42 11.36
C PRO A 20 12.73 -8.25 12.31
N SER A 21 13.15 -8.50 13.54
CA SER A 21 12.38 -9.34 14.46
C SER A 21 11.29 -8.55 15.21
N TYR A 22 10.68 -7.58 14.56
CA TYR A 22 9.60 -6.81 15.17
C TYR A 22 8.72 -6.30 14.03
N GLN A 23 7.51 -5.89 14.38
CA GLN A 23 6.62 -5.31 13.37
C GLN A 23 7.25 -4.01 12.87
N HIS A 24 6.97 -3.68 11.62
CA HIS A 24 7.75 -2.60 11.00
C HIS A 24 7.05 -2.03 9.80
N ILE A 25 7.43 -0.81 9.45
CA ILE A 25 7.07 -0.24 8.15
C ILE A 25 8.30 -0.30 7.25
N GLY A 26 8.10 -0.53 5.96
CA GLY A 26 9.26 -0.76 5.09
C GLY A 26 9.03 -0.16 3.74
N ILE A 27 10.13 0.16 3.04
CA ILE A 27 10.02 0.63 1.66
C ILE A 27 10.61 -0.49 0.79
N ASN A 28 9.81 -0.97 -0.17
CA ASN A 28 10.13 -2.12 -0.99
C ASN A 28 10.33 -1.63 -2.45
N ILE A 29 11.49 -1.92 -3.01
CA ILE A 29 11.72 -1.56 -4.40
C ILE A 29 12.01 -2.87 -5.11
N LYS A 30 11.01 -3.38 -5.84
CA LYS A 30 11.11 -4.56 -6.72
C LYS A 30 11.43 -5.84 -5.98
N SER A 31 11.26 -5.84 -4.67
CA SER A 31 11.54 -7.03 -3.86
C SER A 31 10.84 -6.87 -2.52
N ILE A 32 10.48 -8.00 -1.91
CA ILE A 32 9.91 -8.02 -0.55
C ILE A 32 10.95 -7.68 0.54
N ARG A 33 12.23 -7.76 0.19
CA ARG A 33 13.30 -7.56 1.18
C ARG A 33 13.50 -6.05 1.14
N SER A 34 12.86 -5.38 2.08
CA SER A 34 12.78 -3.92 2.14
C SER A 34 14.16 -3.27 2.12
N LYS A 35 14.23 -2.15 1.41
CA LYS A 35 15.45 -1.37 1.35
C LYS A 35 15.67 -0.56 2.62
N ALA A 36 14.58 -0.27 3.33
CA ALA A 36 14.65 0.50 4.57
C ALA A 36 13.46 0.09 5.43
N THR A 37 13.68 -0.07 6.74
CA THR A 37 12.57 -0.35 7.64
C THR A 37 12.71 0.48 8.91
N THR A 38 11.61 0.57 9.64
CA THR A 38 11.59 1.22 10.94
C THR A 38 10.64 0.44 11.79
N ARG A 39 10.99 0.28 13.07
CA ARG A 39 10.07 -0.38 14.02
C ARG A 39 8.73 0.32 14.12
N TRP A 40 7.65 -0.46 14.18
CA TRP A 40 6.32 0.08 14.24
C TRP A 40 5.48 -0.82 15.16
N ASP A 41 4.91 -0.24 16.19
CA ASP A 41 4.10 -1.07 17.07
C ASP A 41 2.63 -1.01 16.69
N VAL A 42 2.09 -2.12 16.20
CA VAL A 42 0.71 -2.21 15.77
C VAL A 42 -0.20 -2.09 16.99
N GLN A 43 -1.24 -1.27 16.89
CA GLN A 43 -2.27 -1.20 17.95
C GLN A 43 -3.50 -1.91 17.46
N ASN A 44 -3.65 -3.15 17.92
CA ASN A 44 -4.73 -4.02 17.53
C ASN A 44 -6.05 -3.36 17.89
N GLY A 45 -6.87 -3.09 16.87
CA GLY A 45 -8.21 -2.60 17.07
C GLY A 45 -8.34 -1.09 16.98
N LYS A 46 -7.23 -0.39 16.74
CA LYS A 46 -7.29 1.09 16.61
C LYS A 46 -7.15 1.52 15.15
N VAL A 47 -7.72 2.67 14.81
CA VAL A 47 -7.61 3.19 13.45
C VAL A 47 -6.30 3.98 13.30
N GLY A 48 -5.49 3.60 12.31
CA GLY A 48 -4.23 4.28 12.03
C GLY A 48 -4.28 5.01 10.71
N THR A 49 -3.28 5.86 10.49
CA THR A 49 -3.21 6.65 9.26
C THR A 49 -1.83 6.54 8.71
N ALA A 50 -1.73 6.39 7.39
CA ALA A 50 -0.43 6.39 6.75
C ALA A 50 -0.38 7.53 5.74
N HIS A 51 0.77 8.20 5.66
CA HIS A 51 0.92 9.25 4.67
C HIS A 51 2.23 8.96 3.91
N ILE A 52 2.18 9.00 2.59
CA ILE A 52 3.33 8.65 1.74
C ILE A 52 3.57 9.76 0.74
N SER A 53 4.82 10.13 0.49
CA SER A 53 5.09 11.23 -0.42
C SER A 53 6.35 11.00 -1.18
N TYR A 54 6.40 11.56 -2.39
CA TYR A 54 7.62 11.52 -3.18
C TYR A 54 7.63 12.71 -4.10
N ASN A 55 8.82 13.25 -4.40
CA ASN A 55 8.96 14.34 -5.36
C ASN A 55 10.25 14.00 -6.15
N SER A 56 10.26 14.15 -7.45
CA SER A 56 11.39 13.75 -8.29
C SER A 56 12.62 14.69 -8.17
N VAL A 57 12.47 15.86 -7.56
CA VAL A 57 13.65 16.73 -7.34
C VAL A 57 14.37 16.24 -6.10
N ALA A 58 13.60 16.03 -5.04
CA ALA A 58 14.15 15.58 -3.77
C ALA A 58 14.64 14.11 -3.87
N LYS A 59 13.95 13.31 -4.69
CA LYS A 59 14.26 11.87 -4.87
C LYS A 59 14.29 11.13 -3.53
N ARG A 60 13.32 11.43 -2.67
CA ARG A 60 13.20 10.79 -1.38
C ARG A 60 11.76 10.31 -1.18
N LEU A 61 11.59 8.99 -1.09
CA LEU A 61 10.29 8.43 -0.87
C LEU A 61 10.13 8.33 0.64
N SER A 62 9.10 8.95 1.22
CA SER A 62 8.96 8.90 2.68
C SER A 62 7.57 8.40 3.06
N ALA A 63 7.49 7.76 4.22
CA ALA A 63 6.19 7.33 4.75
C ALA A 63 6.15 7.56 6.22
N VAL A 64 4.97 7.92 6.73
CA VAL A 64 4.80 7.98 8.18
C VAL A 64 3.48 7.25 8.50
N VAL A 65 3.50 6.48 9.59
CA VAL A 65 2.27 5.84 10.03
C VAL A 65 2.03 6.23 11.48
N SER A 66 0.81 6.62 11.79
CA SER A 66 0.54 7.14 13.14
C SER A 66 -0.77 6.63 13.67
N TYR A 67 -0.88 6.60 15.01
CA TYR A 67 -2.15 6.38 15.67
C TYR A 67 -2.46 7.61 16.54
N PRO A 68 -3.75 7.89 16.77
CA PRO A 68 -4.15 8.97 17.68
C PRO A 68 -3.47 8.79 19.02
N GLY A 69 -2.95 9.87 19.59
CA GLY A 69 -2.40 9.77 20.93
C GLY A 69 -0.89 9.76 20.92
N GLY A 70 -0.31 10.13 19.77
CA GLY A 70 1.08 10.51 19.65
C GLY A 70 2.11 9.50 19.14
N SER A 71 1.71 8.28 18.84
CA SER A 71 2.64 7.23 18.44
C SER A 71 2.83 7.19 16.90
N SER A 72 4.05 7.45 16.41
CA SER A 72 4.26 7.51 14.94
C SER A 72 5.60 6.94 14.52
N ALA A 73 5.65 6.37 13.33
CA ALA A 73 6.89 5.73 12.87
C ALA A 73 7.13 6.21 11.46
N THR A 74 8.37 6.58 11.14
CA THR A 74 8.64 7.14 9.80
C THR A 74 9.79 6.38 9.15
N VAL A 75 9.77 6.31 7.82
CA VAL A 75 10.86 5.65 7.11
C VAL A 75 11.03 6.40 5.80
N SER A 76 12.28 6.52 5.33
CA SER A 76 12.48 7.20 4.03
C SER A 76 13.59 6.44 3.29
N TYR A 77 13.62 6.61 1.97
CA TYR A 77 14.64 5.98 1.18
C TYR A 77 14.87 6.86 -0.04
N ASP A 78 16.14 7.10 -0.35
CA ASP A 78 16.47 7.92 -1.49
C ASP A 78 16.60 7.06 -2.73
N VAL A 79 15.82 7.41 -3.73
CA VAL A 79 15.78 6.62 -4.95
C VAL A 79 15.20 7.46 -6.07
N ASP A 80 15.74 7.28 -7.27
CA ASP A 80 15.18 7.93 -8.43
C ASP A 80 14.13 7.02 -9.08
N LEU A 81 12.85 7.29 -8.85
CA LEU A 81 11.79 6.39 -9.35
C LEU A 81 11.61 6.39 -10.85
N ASN A 82 12.07 7.43 -11.54
CA ASN A 82 12.02 7.48 -12.98
C ASN A 82 12.81 6.34 -13.59
N ASN A 83 13.78 5.83 -12.85
CA ASN A 83 14.60 4.73 -13.36
C ASN A 83 14.19 3.38 -12.77
N ILE A 84 13.05 3.36 -12.09
CA ILE A 84 12.49 2.10 -11.55
C ILE A 84 11.17 1.80 -12.23
N LEU A 85 10.28 2.80 -12.24
CA LEU A 85 8.90 2.63 -12.68
C LEU A 85 8.74 3.00 -14.14
N PRO A 86 7.79 2.36 -14.81
CA PRO A 86 7.44 2.76 -16.15
C PRO A 86 6.65 4.09 -16.11
N GLU A 87 6.46 4.65 -17.29
CA GLU A 87 5.82 5.95 -17.43
C GLU A 87 4.36 5.97 -16.95
N TRP A 88 3.65 4.87 -17.20
CA TRP A 88 2.26 4.74 -16.82
C TRP A 88 2.18 3.61 -15.79
N VAL A 89 1.46 3.87 -14.72
CA VAL A 89 1.34 2.89 -13.61
C VAL A 89 -0.11 2.82 -13.11
N ARG A 90 -0.41 1.82 -12.30
CA ARG A 90 -1.62 1.89 -11.48
C ARG A 90 -1.21 1.90 -10.03
N VAL A 91 -2.02 2.51 -9.18
CA VAL A 91 -1.72 2.57 -7.76
C VAL A 91 -2.78 1.79 -7.01
N GLY A 92 -2.39 1.24 -5.87
CA GLY A 92 -3.28 0.31 -5.22
C GLY A 92 -2.92 0.03 -3.79
N LEU A 93 -3.77 -0.78 -3.16
CA LEU A 93 -3.57 -1.23 -1.78
C LEU A 93 -3.68 -2.76 -1.82
N SER A 94 -2.80 -3.43 -1.08
CA SER A 94 -2.83 -4.88 -1.07
C SER A 94 -2.75 -5.35 0.40
N ALA A 95 -3.26 -6.56 0.68
CA ALA A 95 -3.05 -7.10 2.01
C ALA A 95 -3.18 -8.60 1.98
N SER A 96 -2.72 -9.24 3.07
CA SER A 96 -2.81 -10.69 3.11
C SER A 96 -2.87 -11.14 4.58
N THR A 97 -3.27 -12.39 4.76
CA THR A 97 -3.16 -13.11 6.02
C THR A 97 -2.57 -14.47 5.64
N GLY A 98 -2.14 -15.21 6.65
CA GLY A 98 -1.54 -16.52 6.43
C GLY A 98 -2.04 -17.46 7.49
N LEU A 99 -1.12 -18.08 8.21
CA LEU A 99 -1.52 -18.87 9.37
C LEU A 99 -2.14 -17.95 10.42
N TYR A 100 -1.55 -16.78 10.64
CA TYR A 100 -2.09 -15.79 11.56
C TYR A 100 -2.87 -14.78 10.75
N LYS A 101 -3.77 -14.05 11.40
CA LYS A 101 -4.71 -13.27 10.60
C LYS A 101 -5.12 -11.98 11.31
N GLU A 102 -5.75 -11.08 10.55
CA GLU A 102 -6.18 -9.80 11.07
C GLU A 102 -7.17 -9.25 10.04
N THR A 103 -8.01 -8.29 10.43
CA THR A 103 -8.72 -7.53 9.40
C THR A 103 -7.73 -6.61 8.72
N ASN A 104 -7.92 -6.36 7.43
CA ASN A 104 -7.11 -5.41 6.72
C ASN A 104 -8.08 -4.42 6.11
N THR A 105 -8.66 -3.59 6.96
CA THR A 105 -9.79 -2.76 6.55
C THR A 105 -9.29 -1.37 6.21
N ILE A 106 -9.71 -0.87 5.05
CA ILE A 106 -9.35 0.47 4.63
C ILE A 106 -10.60 1.34 4.76
N LEU A 107 -10.45 2.44 5.48
CA LEU A 107 -11.59 3.30 5.79
C LEU A 107 -11.61 4.50 4.87
N SER A 108 -10.45 4.92 4.37
CA SER A 108 -10.39 6.06 3.47
C SER A 108 -9.08 6.01 2.69
N TRP A 109 -9.04 6.65 1.53
CA TRP A 109 -7.83 6.61 0.71
C TRP A 109 -7.88 7.83 -0.22
N SER A 110 -6.79 8.59 -0.23
CA SER A 110 -6.66 9.73 -1.12
C SER A 110 -5.33 9.66 -1.81
N PHE A 111 -5.26 10.17 -3.04
CA PHE A 111 -4.02 10.13 -3.79
C PHE A 111 -3.97 11.34 -4.71
N THR A 112 -2.79 11.91 -4.85
CA THR A 112 -2.61 13.01 -5.78
C THR A 112 -1.33 12.77 -6.55
N SER A 113 -1.38 13.01 -7.84
CA SER A 113 -0.15 12.96 -8.58
C SER A 113 -0.10 14.18 -9.50
N LYS A 114 1.09 14.76 -9.68
CA LYS A 114 1.22 15.96 -10.50
C LYS A 114 2.45 15.83 -11.37
N LEU A 115 2.31 16.29 -12.61
CA LEU A 115 3.45 16.42 -13.50
C LEU A 115 3.52 17.88 -13.80
N LYS A 116 4.63 18.51 -13.42
CA LYS A 116 4.75 19.98 -13.52
C LYS A 116 5.67 20.36 -14.61
N SER A 117 5.39 21.56 -15.12
CA SER A 117 6.14 22.17 -16.21
C SER A 117 6.44 23.64 -15.88
N ASN A 118 6.41 24.49 -16.90
CA ASN A 118 6.77 25.89 -16.76
C ASN A 118 5.57 26.83 -16.51
N SER A 119 4.83 26.57 -15.44
CA SER A 119 3.61 27.31 -15.09
C SER A 119 3.17 26.90 -13.68
N THR A 120 2.33 27.70 -13.02
CA THR A 120 1.64 27.24 -11.80
C THR A 120 0.65 26.15 -12.16
N ALA A 121 0.18 26.16 -13.41
CA ALA A 121 -0.75 25.12 -13.87
C ALA A 121 0.04 23.84 -14.18
N ASP A 122 -0.38 22.72 -13.61
CA ASP A 122 0.27 21.44 -13.89
C ASP A 122 0.05 21.00 -15.35
N ALA A 123 1.08 20.38 -15.94
CA ALA A 123 0.93 19.75 -17.25
C ALA A 123 -0.20 18.70 -17.17
N GLN A 124 -0.16 17.85 -16.14
CA GLN A 124 -1.21 16.89 -15.90
C GLN A 124 -1.33 16.67 -14.40
N SER A 125 -2.55 16.48 -13.91
CA SER A 125 -2.62 16.04 -12.55
C SER A 125 -3.87 15.23 -12.30
N LEU A 126 -3.81 14.45 -11.23
CA LEU A 126 -4.94 13.60 -10.87
C LEU A 126 -5.07 13.62 -9.37
N HIS A 127 -6.30 13.76 -8.88
CA HIS A 127 -6.50 13.66 -7.44
C HIS A 127 -7.78 12.87 -7.24
N PHE A 128 -7.73 11.86 -6.37
CA PHE A 128 -8.98 11.21 -5.98
C PHE A 128 -9.05 11.08 -4.49
N THR A 129 -10.29 11.07 -3.97
CA THR A 129 -10.48 10.79 -2.55
C THR A 129 -11.64 9.82 -2.41
N PHE A 130 -11.50 8.84 -1.52
CA PHE A 130 -12.61 8.01 -1.09
C PHE A 130 -12.66 8.12 0.43
N ASN A 131 -13.74 8.64 0.97
CA ASN A 131 -13.96 8.52 2.44
C ASN A 131 -15.03 7.53 2.74
N GLN A 132 -15.67 7.05 1.70
CA GLN A 132 -16.50 5.86 1.78
C GLN A 132 -16.40 5.09 0.47
N PHE A 133 -16.59 3.80 0.53
CA PHE A 133 -16.47 2.96 -0.63
C PHE A 133 -17.86 2.48 -1.02
N SER A 134 -18.15 2.55 -2.31
CA SER A 134 -19.42 2.06 -2.86
C SER A 134 -19.53 0.54 -2.85
N GLN A 135 -20.77 0.02 -2.86
CA GLN A 135 -21.00 -1.42 -2.84
C GLN A 135 -20.50 -2.11 -4.08
N SER A 136 -20.55 -1.43 -5.21
CA SER A 136 -20.09 -2.01 -6.44
C SER A 136 -19.27 -0.92 -7.15
N PRO A 137 -18.02 -0.73 -6.75
CA PRO A 137 -17.28 0.43 -7.23
C PRO A 137 -16.78 0.27 -8.67
N LYS A 138 -17.28 1.10 -9.58
CA LYS A 138 -16.84 1.00 -10.95
C LYS A 138 -15.48 1.64 -11.18
N ASP A 139 -14.97 2.38 -10.20
CA ASP A 139 -13.71 3.05 -10.38
C ASP A 139 -12.55 2.40 -9.60
N LEU A 140 -12.79 1.19 -9.11
CA LEU A 140 -11.73 0.38 -8.52
C LEU A 140 -11.69 -0.96 -9.21
N ILE A 141 -10.49 -1.50 -9.34
CA ILE A 141 -10.33 -2.90 -9.74
C ILE A 141 -10.10 -3.71 -8.48
N LEU A 142 -11.03 -4.61 -8.13
CA LEU A 142 -10.84 -5.45 -6.96
C LEU A 142 -10.28 -6.79 -7.39
N GLN A 143 -9.18 -7.23 -6.75
CA GLN A 143 -8.52 -8.48 -7.07
C GLN A 143 -8.53 -9.39 -5.86
N GLY A 144 -8.55 -10.70 -6.11
CA GLY A 144 -8.56 -11.68 -5.02
C GLY A 144 -9.77 -11.57 -4.12
N ASP A 145 -9.52 -11.53 -2.81
CA ASP A 145 -10.59 -11.52 -1.82
C ASP A 145 -11.16 -10.14 -1.49
N ALA A 146 -10.65 -9.07 -2.11
CA ALA A 146 -11.07 -7.71 -1.77
C ALA A 146 -12.54 -7.47 -2.07
N SER A 147 -13.21 -6.80 -1.13
CA SER A 147 -14.64 -6.46 -1.31
C SER A 147 -14.96 -5.23 -0.47
N THR A 148 -16.09 -4.57 -0.76
CA THR A 148 -16.54 -3.48 0.08
C THR A 148 -17.70 -4.01 0.90
N ASP A 149 -17.84 -3.53 2.13
CA ASP A 149 -18.88 -4.08 3.00
C ASP A 149 -20.02 -3.07 3.15
N SER A 150 -21.05 -3.44 3.90
CA SER A 150 -22.23 -2.60 4.03
C SER A 150 -22.01 -1.33 4.83
N ASP A 151 -20.88 -1.24 5.52
CA ASP A 151 -20.49 -0.03 6.25
C ASP A 151 -19.78 0.97 5.36
N GLY A 152 -19.48 0.59 4.13
CA GLY A 152 -18.74 1.47 3.26
C GLY A 152 -17.25 1.34 3.39
N ASN A 153 -16.77 0.29 4.05
CA ASN A 153 -15.33 0.08 4.16
C ASN A 153 -14.79 -0.87 3.08
N LEU A 154 -13.51 -0.74 2.78
CA LEU A 154 -12.88 -1.65 1.85
C LEU A 154 -12.21 -2.78 2.68
N GLN A 155 -12.64 -4.02 2.49
CA GLN A 155 -12.04 -5.15 3.23
C GLN A 155 -11.09 -5.86 2.27
N LEU A 156 -9.78 -5.64 2.45
CA LEU A 156 -8.85 -6.20 1.47
C LEU A 156 -8.75 -7.72 1.60
N THR A 157 -8.90 -8.26 2.80
CA THR A 157 -8.92 -9.69 2.99
C THR A 157 -10.23 -10.13 3.64
N ARG A 158 -10.51 -11.42 3.54
CA ARG A 158 -11.82 -11.97 3.94
C ARG A 158 -12.15 -11.79 5.42
N VAL A 159 -13.38 -11.35 5.71
CA VAL A 159 -13.87 -11.31 7.07
C VAL A 159 -15.26 -11.96 6.98
N SER A 160 -15.54 -12.87 7.92
CA SER A 160 -16.83 -13.57 8.02
C SER A 160 -17.44 -13.32 9.39
N ASN A 161 -18.63 -12.74 9.41
CA ASN A 161 -19.32 -12.41 10.66
C ASN A 161 -18.39 -11.74 11.66
N GLY A 162 -17.68 -10.73 11.19
CA GLY A 162 -16.77 -10.00 12.04
C GLY A 162 -15.46 -10.69 12.40
N SER A 163 -15.22 -11.92 11.94
CA SER A 163 -13.88 -12.48 12.19
C SER A 163 -13.01 -12.59 10.93
N PRO A 164 -11.74 -12.16 11.00
CA PRO A 164 -10.87 -12.30 9.84
C PRO A 164 -10.48 -13.76 9.59
N GLN A 165 -10.17 -14.06 8.35
CA GLN A 165 -9.89 -15.43 7.93
C GLN A 165 -8.43 -15.59 7.56
N SER A 166 -7.91 -16.79 7.78
CA SER A 166 -6.56 -17.16 7.37
C SER A 166 -6.42 -17.33 5.87
N ASP A 167 -5.17 -17.24 5.39
CA ASP A 167 -4.85 -17.54 4.00
C ASP A 167 -5.71 -16.77 2.99
N SER A 168 -5.83 -15.47 3.20
CA SER A 168 -6.58 -14.59 2.31
C SER A 168 -5.63 -13.55 1.71
N VAL A 169 -5.91 -13.13 0.47
CA VAL A 169 -5.13 -12.09 -0.21
C VAL A 169 -6.09 -11.25 -1.05
N GLY A 170 -5.94 -9.94 -1.00
CA GLY A 170 -6.76 -9.12 -1.85
C GLY A 170 -6.11 -7.79 -2.14
N ARG A 171 -6.48 -7.18 -3.28
CA ARG A 171 -5.94 -5.88 -3.65
C ARG A 171 -7.02 -5.03 -4.27
N ALA A 172 -6.83 -3.72 -4.19
CA ALA A 172 -7.70 -2.79 -4.88
C ALA A 172 -6.82 -1.81 -5.62
N LEU A 173 -7.08 -1.64 -6.91
CA LEU A 173 -6.31 -0.67 -7.69
C LEU A 173 -7.25 0.40 -8.20
N TYR A 174 -6.78 1.63 -8.25
CA TYR A 174 -7.57 2.68 -8.87
C TYR A 174 -7.67 2.42 -10.40
N TYR A 175 -8.84 2.70 -10.98
CA TYR A 175 -9.10 2.24 -12.32
C TYR A 175 -8.21 2.95 -13.38
N ALA A 176 -7.99 4.24 -13.22
CA ALA A 176 -7.27 4.99 -14.24
C ALA A 176 -5.76 4.79 -14.13
N PRO A 177 -5.11 4.55 -15.26
CA PRO A 177 -3.64 4.60 -15.25
C PRO A 177 -3.18 6.01 -14.88
N VAL A 178 -2.08 6.08 -14.16
CA VAL A 178 -1.51 7.32 -13.69
C VAL A 178 -0.23 7.62 -14.45
N HIS A 179 -0.12 8.85 -14.96
CA HIS A 179 1.04 9.22 -15.73
C HIS A 179 2.08 9.73 -14.76
N ILE A 180 2.97 8.84 -14.33
CA ILE A 180 3.78 9.12 -13.14
C ILE A 180 5.06 9.84 -13.49
N TRP A 181 5.47 9.76 -14.74
CA TRP A 181 6.51 10.60 -15.26
C TRP A 181 6.38 10.83 -16.76
N ASP A 182 7.09 11.84 -17.28
CA ASP A 182 6.98 12.24 -18.66
C ASP A 182 8.30 12.92 -18.99
N LYS A 183 8.79 12.71 -20.20
CA LYS A 183 10.11 13.19 -20.60
C LYS A 183 10.18 14.72 -20.67
N SER A 184 9.02 15.38 -20.64
CA SER A 184 9.04 16.82 -20.66
C SER A 184 8.88 17.40 -19.24
N ALA A 185 8.54 16.56 -18.26
CA ALA A 185 8.21 17.08 -16.94
C ALA A 185 9.47 17.57 -16.22
N VAL A 186 9.34 18.67 -15.50
CA VAL A 186 10.43 19.24 -14.76
C VAL A 186 10.41 18.62 -13.37
N VAL A 187 9.20 18.39 -12.86
CA VAL A 187 9.01 17.69 -11.58
C VAL A 187 7.80 16.78 -11.65
N ALA A 188 7.91 15.61 -11.01
CA ALA A 188 6.75 14.74 -10.88
C ALA A 188 6.65 14.48 -9.38
N SER A 189 5.43 14.42 -8.84
CA SER A 189 5.32 14.19 -7.40
C SER A 189 4.05 13.40 -7.15
N PHE A 190 4.01 12.72 -6.03
CA PHE A 190 2.74 12.12 -5.65
C PHE A 190 2.63 12.09 -4.14
N ASP A 191 1.40 12.03 -3.66
CA ASP A 191 1.18 12.01 -2.21
C ASP A 191 0.00 11.07 -2.01
N ALA A 192 0.05 10.22 -0.99
CA ALA A 192 -1.07 9.30 -0.78
C ALA A 192 -1.36 9.27 0.69
N THR A 193 -2.62 9.14 1.09
CA THR A 193 -2.96 8.95 2.52
C THR A 193 -3.97 7.85 2.58
N PHE A 194 -3.90 6.98 3.58
CA PHE A 194 -5.04 6.08 3.80
C PHE A 194 -5.20 5.82 5.28
N THR A 195 -6.42 5.49 5.68
CA THR A 195 -6.61 5.11 7.09
C THR A 195 -7.07 3.66 7.08
N PHE A 196 -6.70 2.94 8.14
CA PHE A 196 -6.86 1.50 8.16
C PHE A 196 -7.19 1.01 9.57
N LEU A 197 -7.80 -0.17 9.64
CA LEU A 197 -8.09 -0.77 10.92
C LEU A 197 -7.61 -2.21 10.84
N ILE A 198 -6.58 -2.52 11.64
CA ILE A 198 -6.04 -3.90 11.77
C ILE A 198 -6.50 -4.34 13.12
N LYS A 199 -7.31 -5.39 13.13
CA LYS A 199 -7.87 -5.91 14.38
C LYS A 199 -7.89 -7.42 14.29
N SER A 200 -7.73 -8.10 15.42
CA SER A 200 -7.81 -9.54 15.43
C SER A 200 -8.15 -9.99 16.85
N PRO A 201 -8.88 -11.09 16.98
CA PRO A 201 -9.17 -11.64 18.32
C PRO A 201 -7.92 -12.29 18.93
N ASP A 202 -6.91 -12.55 18.10
CA ASP A 202 -5.68 -13.24 18.50
C ASP A 202 -4.59 -12.23 18.88
N ARG A 203 -3.67 -12.65 19.75
CA ARG A 203 -2.56 -11.75 20.10
C ARG A 203 -1.56 -11.71 18.94
N GLU A 204 -1.37 -12.87 18.31
CA GLU A 204 -0.49 -12.97 17.14
C GLU A 204 -1.29 -12.61 15.88
N ILE A 205 -0.79 -11.66 15.08
CA ILE A 205 -1.47 -11.21 13.87
C ILE A 205 -0.57 -11.28 12.63
N ALA A 206 -1.16 -11.26 11.44
CA ALA A 206 -0.39 -11.26 10.18
C ALA A 206 -1.35 -10.99 9.05
N ASP A 207 -0.87 -10.61 7.87
CA ASP A 207 0.52 -10.38 7.53
C ASP A 207 0.84 -8.90 7.27
N GLY A 208 -0.15 -8.12 6.89
CA GLY A 208 0.09 -6.69 6.70
C GLY A 208 -0.67 -6.08 5.53
N ILE A 209 -0.42 -4.79 5.33
CA ILE A 209 -1.08 -4.01 4.28
C ILE A 209 0.03 -3.32 3.53
N ALA A 210 -0.14 -3.13 2.23
CA ALA A 210 0.87 -2.35 1.49
C ALA A 210 0.19 -1.40 0.57
N PHE A 211 0.77 -0.18 0.45
CA PHE A 211 0.41 0.72 -0.65
C PHE A 211 1.43 0.45 -1.74
N PHE A 212 0.99 0.34 -2.99
CA PHE A 212 1.92 -0.04 -4.05
C PHE A 212 1.64 0.66 -5.36
N ILE A 213 2.68 0.72 -6.16
CA ILE A 213 2.61 1.33 -7.49
C ILE A 213 3.16 0.26 -8.41
N ALA A 214 2.46 -0.05 -9.51
CA ALA A 214 2.84 -1.18 -10.35
C ALA A 214 2.60 -0.86 -11.82
N ASN A 215 3.12 -1.73 -12.70
CA ASN A 215 2.72 -1.69 -14.11
C ASN A 215 1.21 -1.81 -14.23
N THR A 216 0.62 -1.17 -15.23
CA THR A 216 -0.85 -1.06 -15.26
C THR A 216 -1.58 -2.38 -15.29
N ASP A 217 -0.97 -3.44 -15.83
CA ASP A 217 -1.65 -4.73 -15.97
C ASP A 217 -1.32 -5.70 -14.82
N SER A 218 -0.80 -5.17 -13.72
CA SER A 218 -0.49 -5.96 -12.53
C SER A 218 -1.68 -6.79 -12.01
N SER A 219 -1.42 -8.07 -11.72
CA SER A 219 -2.43 -8.94 -11.12
C SER A 219 -1.74 -9.65 -9.94
N ILE A 220 -2.51 -10.27 -9.05
CA ILE A 220 -1.91 -10.99 -7.91
C ILE A 220 -1.04 -12.16 -8.41
N PRO A 221 0.25 -12.17 -8.08
CA PRO A 221 1.10 -13.27 -8.53
C PRO A 221 0.71 -14.57 -7.83
N HIS A 222 0.91 -15.69 -8.52
CA HIS A 222 0.67 -16.99 -7.92
C HIS A 222 1.66 -17.12 -6.76
N GLY A 223 1.18 -17.59 -5.62
CA GLY A 223 2.05 -17.92 -4.49
C GLY A 223 2.47 -16.69 -3.67
N SER A 224 1.74 -15.59 -3.82
CA SER A 224 2.09 -14.35 -3.15
C SER A 224 1.34 -14.14 -1.82
N GLY A 225 0.68 -15.20 -1.31
CA GLY A 225 -0.06 -15.06 -0.07
C GLY A 225 0.86 -14.89 1.14
N GLY A 226 0.26 -14.68 2.31
CA GLY A 226 1.05 -14.61 3.55
C GLY A 226 2.11 -13.52 3.49
N ARG A 227 3.35 -13.92 3.72
CA ARG A 227 4.44 -12.97 3.92
C ARG A 227 4.75 -12.14 2.69
N LEU A 228 4.24 -12.53 1.52
CA LEU A 228 4.60 -11.76 0.31
C LEU A 228 3.58 -10.70 -0.04
N LEU A 229 2.54 -10.56 0.81
CA LEU A 229 1.63 -9.41 0.85
C LEU A 229 0.84 -9.21 -0.44
N GLY A 230 0.73 -10.28 -1.23
CA GLY A 230 0.04 -10.25 -2.51
C GLY A 230 0.77 -9.45 -3.58
N LEU A 231 2.06 -9.22 -3.37
CA LEU A 231 2.81 -8.30 -4.26
C LEU A 231 3.86 -9.00 -5.12
N PHE A 232 4.46 -10.04 -4.58
CA PHE A 232 5.60 -10.70 -5.23
C PHE A 232 5.40 -12.20 -5.32
N PRO A 233 5.92 -12.81 -6.38
CA PRO A 233 5.80 -14.27 -6.56
C PRO A 233 6.83 -15.03 -5.75
N ASP A 234 7.88 -14.36 -5.29
CA ASP A 234 8.90 -15.05 -4.50
C ASP A 234 9.58 -14.07 -3.60
N ALA A 235 10.54 -14.55 -2.82
CA ALA A 235 11.19 -13.70 -1.82
C ALA A 235 12.59 -13.24 -2.23
N ASN A 236 12.88 -13.25 -3.51
CA ASN A 236 14.18 -12.74 -3.93
C ASN A 236 14.28 -11.22 -3.74
C1 MMA B . 2.52 -18.99 7.44
C2 MMA B . 2.82 -18.51 6.01
C3 MMA B . 3.63 -17.22 6.01
C4 MMA B . 2.94 -16.13 6.88
C5 MMA B . 2.67 -16.71 8.28
C6 MMA B . 1.92 -15.75 9.20
C7 MMA B . 3.68 -20.00 9.27
O1 MMA B . 3.78 -19.33 8.00
O2 MMA B . 1.56 -18.32 5.35
O3 MMA B . 3.76 -16.72 4.65
O4 MMA B . 3.82 -14.97 6.93
O5 MMA B . 1.91 -17.94 8.20
O6 MMA B . 0.63 -15.52 8.65
CA CA C . 6.43 -10.05 7.36
MN MN D . 8.71 -6.74 6.13
#